data_5AXV
#
_entry.id   5AXV
#
_cell.length_a   103.381
_cell.length_b   103.381
_cell.length_c   103.381
_cell.angle_alpha   90.00
_cell.angle_beta   90.00
_cell.angle_gamma   90.00
#
_symmetry.space_group_name_H-M   'I 2 3'
#
loop_
_entity.id
_entity.type
_entity.pdbx_description
1 polymer Polyhedrin
2 non-polymer "CYTIDINE-5'-TRIPHOSPHATE"
3 non-polymer 'CHLORIDE ION'
4 non-polymer 1,2-ETHANEDIOL
5 water water
#
_entity_poly.entity_id   1
_entity_poly.type   'polypeptide(L)'
_entity_poly.pdbx_seq_one_letter_code
;(ACE)ADVAGTSNRDFKGREQRLFNSEQYNYNNSLNGEVSVWVYAYYSDGSVLVINKNSQYKVGISETFKALKEYREGQH
NDSYDEYEVNQSIYYPNGGDARKFHSNAKPRAIQIIFSPSVNVRTIKMAKGNAVSVPDEYLQRSHPWEATGIKYRKIKRD
GEIVGYSHYFELPHEYNSISLAVSGVHKNPSSYNVGSAHNVMDVFQSCDLALRFCNRYWAELELVNHYISPNAYPYLDIN
NHSYGVALSNRQ
;
_entity_poly.pdbx_strand_id   A
#
# COMPACT_ATOMS: atom_id res chain seq x y z
N ALA A 2 -30.30 24.83 -29.10
CA ALA A 2 -29.14 23.91 -28.99
C ALA A 2 -29.50 22.52 -29.52
N ASP A 3 -28.50 21.68 -29.82
CA ASP A 3 -28.80 20.26 -30.07
C ASP A 3 -29.36 19.67 -28.79
N VAL A 4 -29.98 18.49 -28.92
CA VAL A 4 -30.53 17.74 -27.78
C VAL A 4 -29.43 16.87 -27.17
N ALA A 5 -29.35 16.84 -25.83
CA ALA A 5 -28.39 15.97 -25.08
C ALA A 5 -28.34 14.55 -25.62
N GLY A 6 -27.14 13.99 -25.72
CA GLY A 6 -26.97 12.56 -26.03
C GLY A 6 -27.35 12.14 -27.45
N THR A 7 -27.34 13.09 -28.40
CA THR A 7 -27.75 12.77 -29.80
C THR A 7 -26.80 13.27 -30.92
N SER A 8 -25.66 13.88 -30.56
CA SER A 8 -24.80 14.57 -31.52
C SER A 8 -23.42 14.87 -30.88
N ASN A 9 -22.49 15.41 -31.68
CA ASN A 9 -21.18 15.78 -31.19
C ASN A 9 -21.15 17.15 -30.55
N ARG A 10 -22.30 17.80 -30.45
CA ARG A 10 -22.40 19.12 -29.81
C ARG A 10 -22.89 18.98 -28.37
N ASP A 11 -22.79 17.77 -27.79
CA ASP A 11 -23.01 17.66 -26.35
C ASP A 11 -21.70 17.96 -25.59
N PHE A 12 -21.48 19.25 -25.37
CA PHE A 12 -20.26 19.70 -24.73
C PHE A 12 -20.17 19.33 -23.26
N LYS A 13 -21.29 19.30 -22.52
CA LYS A 13 -21.16 18.86 -21.12
C LYS A 13 -20.71 17.39 -21.05
N GLY A 14 -21.20 16.57 -21.99
CA GLY A 14 -20.74 15.18 -22.09
C GLY A 14 -19.27 15.07 -22.47
N ARG A 15 -18.79 15.91 -23.38
CA ARG A 15 -17.39 15.81 -23.81
C ARG A 15 -16.44 16.34 -22.73
N GLU A 16 -16.85 17.40 -22.03
CA GLU A 16 -16.06 17.95 -20.93
C GLU A 16 -16.02 16.95 -19.77
N GLN A 17 -17.13 16.27 -19.50
CA GLN A 17 -17.16 15.22 -18.47
C GLN A 17 -16.08 14.15 -18.75
N ARG A 18 -16.05 13.68 -19.98
CA ARG A 18 -15.15 12.59 -20.40
C ARG A 18 -13.71 13.10 -20.37
N LEU A 19 -13.48 14.34 -20.81
CA LEU A 19 -12.14 14.91 -20.73
C LEU A 19 -11.67 15.14 -19.30
N PHE A 20 -12.58 15.56 -18.42
CA PHE A 20 -12.23 15.83 -17.02
C PHE A 20 -11.75 14.52 -16.37
N ASN A 21 -12.44 13.42 -16.65
CA ASN A 21 -12.03 12.10 -16.15
C ASN A 21 -10.68 11.60 -16.75
N SER A 22 -10.54 11.68 -18.08
CA SER A 22 -9.30 11.42 -18.80
C SER A 22 -8.11 12.22 -18.29
N GLU A 23 -8.29 13.52 -18.06
CA GLU A 23 -7.21 14.34 -17.55
C GLU A 23 -6.72 13.83 -16.18
N GLN A 24 -7.66 13.42 -15.33
CA GLN A 24 -7.31 12.96 -13.98
C GLN A 24 -6.46 11.70 -14.09
N TYR A 25 -6.91 10.80 -14.95
CA TYR A 25 -6.18 9.55 -15.17
C TYR A 25 -4.76 9.83 -15.72
N ASN A 26 -4.70 10.68 -16.73
CA ASN A 26 -3.45 11.01 -17.35
C ASN A 26 -2.51 11.88 -16.53
N TYR A 27 -3.04 12.83 -15.77
CA TYR A 27 -2.22 13.61 -14.83
C TYR A 27 -1.47 12.75 -13.83
N ASN A 28 -2.21 11.84 -13.20
CA ASN A 28 -1.65 10.94 -12.21
C ASN A 28 -0.44 10.20 -12.83
N ASN A 29 -0.59 9.73 -14.08
CA ASN A 29 0.53 9.07 -14.80
C ASN A 29 1.69 9.94 -15.32
N SER A 30 1.53 11.27 -15.33
CA SER A 30 2.62 12.15 -15.76
C SER A 30 3.70 12.22 -14.66
N LEU A 31 4.86 12.82 -14.97
CA LEU A 31 5.95 12.92 -13.98
C LEU A 31 5.66 13.93 -12.87
N ASN A 32 4.63 14.77 -13.09
CA ASN A 32 4.09 15.72 -12.11
C ASN A 32 3.16 15.03 -11.12
N GLY A 33 2.76 13.79 -11.40
CA GLY A 33 1.69 13.17 -10.60
C GLY A 33 2.20 12.29 -9.48
N GLU A 34 1.26 11.85 -8.67
CA GLU A 34 1.57 11.08 -7.46
C GLU A 34 1.83 9.62 -7.79
N VAL A 35 2.58 8.99 -6.91
CA VAL A 35 2.60 7.53 -6.83
C VAL A 35 2.40 7.16 -5.34
N SER A 36 1.54 6.16 -5.09
CA SER A 36 1.07 5.90 -3.75
C SER A 36 1.17 4.40 -3.48
N VAL A 37 1.42 4.07 -2.21
CA VAL A 37 1.46 2.65 -1.77
C VAL A 37 0.64 2.58 -0.49
N TRP A 38 0.01 1.44 -0.25
CA TRP A 38 -0.70 1.17 0.99
C TRP A 38 -0.24 -0.16 1.51
N VAL A 39 -0.03 -0.26 2.81
CA VAL A 39 0.17 -1.56 3.49
C VAL A 39 -1.00 -1.74 4.42
N TYR A 40 -1.73 -2.84 4.20
CA TYR A 40 -2.83 -3.27 5.06
C TYR A 40 -2.36 -4.48 5.88
N ALA A 41 -2.44 -4.35 7.19
CA ALA A 41 -2.18 -5.47 8.09
C ALA A 41 -3.49 -5.86 8.73
N TYR A 42 -3.89 -7.13 8.60
CA TYR A 42 -5.17 -7.68 9.07
C TYR A 42 -5.01 -8.41 10.39
N TYR A 43 -5.83 -8.06 11.40
CA TYR A 43 -5.73 -8.68 12.74
C TYR A 43 -6.85 -9.73 12.95
N SER A 44 -6.62 -10.71 13.82
CA SER A 44 -7.62 -11.76 14.09
C SER A 44 -8.97 -11.19 14.60
N ASP A 45 -8.94 -10.01 15.21
CA ASP A 45 -10.19 -9.42 15.69
C ASP A 45 -10.97 -8.71 14.56
N GLY A 46 -10.51 -8.88 13.32
CA GLY A 46 -11.19 -8.33 12.14
C GLY A 46 -10.84 -6.89 11.84
N SER A 47 -10.05 -6.25 12.69
CA SER A 47 -9.63 -4.89 12.41
C SER A 47 -8.47 -4.83 11.43
N VAL A 48 -8.22 -3.66 10.83
CA VAL A 48 -7.22 -3.52 9.79
C VAL A 48 -6.42 -2.24 10.02
N LEU A 49 -5.10 -2.36 10.10
CA LEU A 49 -4.27 -1.20 10.13
C LEU A 49 -3.97 -0.85 8.69
N VAL A 50 -4.10 0.42 8.33
CA VAL A 50 -3.59 0.86 7.04
C VAL A 50 -2.49 1.88 7.26
N ILE A 51 -1.44 1.76 6.45
CA ILE A 51 -0.41 2.76 6.29
C ILE A 51 -0.36 3.13 4.82
N ASN A 52 -0.44 4.43 4.57
CA ASN A 52 -0.45 4.93 3.23
C ASN A 52 0.69 5.96 3.10
N LYS A 53 1.40 5.93 1.98
CA LYS A 53 2.28 7.04 1.65
C LYS A 53 2.05 7.50 0.23
N ASN A 54 2.00 8.83 0.03
CA ASN A 54 1.74 9.49 -1.26
C ASN A 54 2.88 10.44 -1.58
N SER A 55 3.55 10.22 -2.70
CA SER A 55 4.68 11.10 -3.06
C SER A 55 4.85 11.14 -4.56
N GLN A 56 5.60 12.14 -5.03
CA GLN A 56 6.07 12.21 -6.41
C GLN A 56 7.30 11.30 -6.65
N TYR A 57 7.45 10.81 -7.88
CA TYR A 57 8.66 10.09 -8.35
C TYR A 57 8.81 8.64 -7.85
N LYS A 58 8.73 8.46 -6.54
CA LYS A 58 8.91 7.18 -5.90
C LYS A 58 8.29 7.27 -4.52
N VAL A 59 7.89 6.12 -3.97
CA VAL A 59 7.24 6.04 -2.68
C VAL A 59 7.54 4.70 -1.99
N GLY A 60 7.54 4.67 -0.66
CA GLY A 60 7.79 3.45 0.06
C GLY A 60 7.30 3.50 1.48
N ILE A 61 7.17 2.34 2.12
CA ILE A 61 6.83 2.29 3.55
C ILE A 61 7.80 1.31 4.18
N SER A 62 8.22 1.58 5.42
CA SER A 62 9.12 0.65 6.14
C SER A 62 8.64 0.54 7.58
N GLU A 63 8.30 -0.67 8.01
CA GLU A 63 7.85 -0.86 9.38
C GLU A 63 8.59 -2.01 10.08
N THR A 64 8.79 -1.84 11.38
CA THR A 64 9.35 -2.87 12.25
C THR A 64 8.28 -3.90 12.57
N PHE A 65 8.75 -5.06 13.06
CA PHE A 65 7.84 -6.06 13.61
C PHE A 65 6.89 -5.47 14.65
N LYS A 66 7.46 -4.71 15.59
CA LYS A 66 6.66 -4.12 16.65
C LYS A 66 5.61 -3.13 16.09
N ALA A 67 5.99 -2.34 15.10
CA ALA A 67 5.10 -1.27 14.62
C ALA A 67 3.88 -1.82 13.88
N LEU A 68 4.02 -3.05 13.37
CA LEU A 68 2.97 -3.72 12.63
C LEU A 68 1.94 -4.40 13.53
N LYS A 69 2.30 -4.64 14.78
CA LYS A 69 1.37 -5.28 15.75
C LYS A 69 0.13 -4.39 16.02
N GLU A 70 -1.04 -4.99 16.23
CA GLU A 70 -2.21 -4.22 16.62
C GLU A 70 -1.99 -3.37 17.88
N TYR A 71 -2.42 -2.10 17.76
CA TYR A 71 -2.45 -1.14 18.86
C TYR A 71 -3.80 -0.44 18.90
N ARG A 72 -4.52 -0.58 20.01
CA ARG A 72 -5.86 0.00 20.14
C ARG A 72 -5.76 1.30 20.93
N GLU A 73 -5.89 2.42 20.23
CA GLU A 73 -5.80 3.74 20.89
C GLU A 73 -6.84 3.92 22.00
N GLY A 74 -6.38 4.44 23.14
CA GLY A 74 -7.25 4.70 24.29
C GLY A 74 -7.96 3.47 24.83
N GLN A 75 -7.43 2.28 24.55
CA GLN A 75 -7.90 1.06 25.20
C GLN A 75 -6.72 0.36 25.83
N HIS A 76 -7.00 -0.66 26.63
CA HIS A 76 -5.99 -1.58 27.17
C HIS A 76 -5.40 -2.43 26.10
N ASN A 77 -4.09 -2.69 26.18
CA ASN A 77 -3.30 -3.40 25.14
C ASN A 77 -2.35 -4.55 25.65
N ASP A 78 -2.42 -4.89 26.94
CA ASP A 78 -1.47 -5.82 27.55
C ASP A 78 -0.03 -5.33 27.34
N SER A 79 0.22 -4.03 27.47
CA SER A 79 1.49 -3.49 26.97
C SER A 79 2.74 -4.12 27.64
N TYR A 80 2.65 -4.47 28.92
CA TYR A 80 3.76 -5.17 29.53
C TYR A 80 3.92 -6.57 28.97
N ASP A 81 2.85 -7.35 28.99
CA ASP A 81 2.91 -8.72 28.48
C ASP A 81 3.43 -8.68 27.02
N GLU A 82 3.10 -7.63 26.27
CA GLU A 82 3.42 -7.58 24.84
C GLU A 82 4.88 -7.24 24.60
N TYR A 83 5.49 -6.46 25.51
CA TYR A 83 6.95 -6.32 25.59
C TYR A 83 7.60 -7.72 25.69
N GLU A 84 7.06 -8.56 26.57
CA GLU A 84 7.58 -9.92 26.79
C GLU A 84 7.42 -10.80 25.54
N VAL A 85 6.27 -10.68 24.87
CA VAL A 85 5.98 -11.38 23.60
C VAL A 85 7.08 -11.02 22.57
N ASN A 86 7.37 -9.74 22.41
CA ASN A 86 8.45 -9.29 21.50
C ASN A 86 9.80 -9.98 21.84
N GLN A 87 10.15 -10.04 23.11
CA GLN A 87 11.39 -10.72 23.51
C GLN A 87 11.42 -12.19 23.09
N SER A 88 10.26 -12.86 23.21
CA SER A 88 10.12 -14.26 22.77
C SER A 88 10.10 -14.45 21.28
N ILE A 89 9.66 -13.43 20.54
CA ILE A 89 9.68 -13.49 19.08
C ILE A 89 11.08 -13.18 18.53
N TYR A 90 11.79 -12.24 19.16
CA TYR A 90 13.13 -11.88 18.71
C TYR A 90 14.11 -13.05 18.91
N TYR A 91 13.89 -13.85 19.95
CA TYR A 91 14.76 -15.01 20.26
C TYR A 91 13.95 -16.10 20.92
N PRO A 92 14.05 -17.35 20.46
CA PRO A 92 13.15 -18.40 21.04
C PRO A 92 13.33 -18.45 22.55
N ASN A 93 12.24 -18.55 23.31
CA ASN A 93 12.36 -18.67 24.78
C ASN A 93 13.11 -17.46 25.36
N GLY A 94 13.02 -16.32 24.67
CA GLY A 94 13.64 -15.09 25.12
C GLY A 94 12.84 -14.20 26.09
N GLY A 95 11.55 -14.52 26.27
CA GLY A 95 10.66 -13.69 27.05
C GLY A 95 9.93 -14.43 28.14
N ASP A 96 9.14 -13.71 28.91
CA ASP A 96 8.30 -14.30 29.96
C ASP A 96 6.84 -13.91 29.80
N ALA A 97 6.29 -14.16 28.62
CA ALA A 97 4.90 -13.78 28.33
C ALA A 97 3.90 -14.78 28.91
N ARG A 98 2.68 -14.33 29.14
CA ARG A 98 1.64 -15.23 29.65
C ARG A 98 0.72 -15.75 28.52
N LYS A 99 1.26 -15.82 27.28
CA LYS A 99 0.46 -16.30 26.15
C LYS A 99 1.34 -16.98 25.10
N PHE A 100 0.75 -17.90 24.36
CA PHE A 100 1.47 -18.66 23.34
C PHE A 100 1.53 -17.87 22.02
N HIS A 101 0.40 -17.24 21.67
CA HIS A 101 0.22 -16.48 20.42
C HIS A 101 -0.40 -15.13 20.74
N SER A 102 0.31 -14.04 20.45
CA SER A 102 -0.29 -12.72 20.62
C SER A 102 -1.27 -12.47 19.49
N ASN A 103 -2.52 -12.12 19.85
CA ASN A 103 -3.51 -11.75 18.86
C ASN A 103 -3.27 -10.39 18.23
N ALA A 104 -2.25 -9.68 18.71
CA ALA A 104 -1.85 -8.41 18.11
C ALA A 104 -1.04 -8.61 16.83
N LYS A 105 -0.65 -9.85 16.54
CA LYS A 105 0.19 -10.14 15.37
C LYS A 105 -0.68 -10.15 14.12
N PRO A 106 -0.18 -9.56 13.03
CA PRO A 106 -0.96 -9.57 11.78
C PRO A 106 -1.19 -11.01 11.28
N ARG A 107 -2.39 -11.28 10.75
CA ARG A 107 -2.71 -12.57 10.14
C ARG A 107 -2.50 -12.56 8.64
N ALA A 108 -2.35 -11.36 8.07
CA ALA A 108 -2.23 -11.20 6.62
C ALA A 108 -1.78 -9.79 6.29
N ILE A 109 -1.17 -9.64 5.12
CA ILE A 109 -0.74 -8.32 4.64
C ILE A 109 -1.28 -8.21 3.24
N GLN A 110 -1.73 -7.02 2.88
CA GLN A 110 -1.98 -6.70 1.49
C GLN A 110 -1.21 -5.41 1.17
N ILE A 111 -0.46 -5.47 0.08
CA ILE A 111 0.22 -4.29 -0.43
C ILE A 111 -0.44 -3.89 -1.70
N ILE A 112 -0.82 -2.62 -1.77
CA ILE A 112 -1.44 -2.08 -2.93
C ILE A 112 -0.70 -0.84 -3.41
N PHE A 113 -0.44 -0.82 -4.71
CA PHE A 113 0.06 0.37 -5.35
C PHE A 113 -0.97 1.04 -6.25
N SER A 114 -0.85 2.36 -6.37
CA SER A 114 -1.63 3.12 -7.36
C SER A 114 -1.30 2.68 -8.80
N PRO A 115 -2.21 2.95 -9.76
CA PRO A 115 -1.95 2.52 -11.10
C PRO A 115 -0.83 3.34 -11.77
N SER A 116 -0.37 4.40 -11.12
CA SER A 116 0.80 5.17 -11.60
C SER A 116 2.20 4.54 -11.30
N VAL A 117 2.28 3.41 -10.59
CA VAL A 117 3.57 2.78 -10.33
C VAL A 117 4.02 2.11 -11.61
N ASN A 118 5.33 1.88 -11.80
CA ASN A 118 5.74 0.91 -12.78
C ASN A 118 5.93 -0.42 -11.99
N VAL A 119 5.17 -1.46 -12.35
CA VAL A 119 5.18 -2.73 -11.57
C VAL A 119 6.55 -3.41 -11.51
N ARG A 120 7.36 -3.13 -12.51
CA ARG A 120 8.71 -3.73 -12.59
C ARG A 120 9.72 -3.07 -11.65
N THR A 121 9.33 -1.94 -11.06
CA THR A 121 10.22 -1.27 -10.12
C THR A 121 9.94 -1.63 -8.65
N ILE A 122 8.87 -2.36 -8.41
CA ILE A 122 8.43 -2.70 -7.03
C ILE A 122 9.46 -3.57 -6.34
N LYS A 123 9.75 -3.26 -5.09
CA LYS A 123 10.73 -3.98 -4.32
C LYS A 123 10.15 -4.16 -2.95
N MET A 124 10.49 -5.27 -2.33
CA MET A 124 9.99 -5.58 -1.01
C MET A 124 11.10 -6.19 -0.19
N ALA A 125 11.27 -5.69 1.03
CA ALA A 125 12.14 -6.27 2.04
C ALA A 125 11.23 -6.81 3.17
N LYS A 126 10.92 -8.09 3.11
CA LYS A 126 10.15 -8.77 4.16
C LYS A 126 11.17 -9.45 5.06
N GLY A 127 11.49 -8.82 6.19
CA GLY A 127 12.48 -9.37 7.10
C GLY A 127 11.88 -10.26 8.18
N ASN A 128 12.76 -10.88 8.97
CA ASN A 128 12.34 -11.63 10.15
C ASN A 128 12.10 -10.58 11.27
N ALA A 129 11.82 -11.02 12.50
CA ALA A 129 11.36 -10.08 13.51
C ALA A 129 12.44 -9.13 14.02
N VAL A 130 13.73 -9.45 13.75
CA VAL A 130 14.82 -8.53 14.10
C VAL A 130 15.30 -7.71 12.86
N SER A 131 14.50 -7.73 11.80
CA SER A 131 14.68 -6.81 10.63
C SER A 131 15.89 -7.15 9.79
N VAL A 132 15.97 -8.45 9.49
CA VAL A 132 16.99 -9.02 8.64
C VAL A 132 16.26 -9.69 7.47
N PRO A 133 16.52 -9.22 6.24
CA PRO A 133 15.79 -9.75 5.07
C PRO A 133 15.91 -11.25 4.84
N ASP A 134 17.08 -11.84 5.09
CA ASP A 134 17.22 -13.28 4.69
C ASP A 134 18.11 -14.08 5.65
N GLU A 135 17.60 -14.35 6.84
CA GLU A 135 18.30 -15.20 7.84
C GLU A 135 19.47 -14.52 8.56
N TYR A 136 20.46 -14.06 7.79
CA TYR A 136 21.58 -13.32 8.33
C TYR A 136 21.92 -12.18 7.36
N LEU A 137 22.33 -11.03 7.89
CA LEU A 137 22.76 -9.90 7.06
C LEU A 137 23.84 -10.22 6.00
N GLN A 138 24.85 -11.03 6.36
CA GLN A 138 25.99 -11.34 5.47
C GLN A 138 25.49 -11.94 4.13
N ARG A 139 24.42 -12.73 4.16
CA ARG A 139 23.90 -13.29 2.90
C ARG A 139 22.61 -12.68 2.40
N SER A 140 22.23 -11.51 2.92
CA SER A 140 20.93 -10.91 2.55
C SER A 140 21.07 -10.01 1.33
N HIS A 141 20.37 -10.30 0.23
CA HIS A 141 20.05 -9.24 -0.74
C HIS A 141 19.03 -8.37 -0.08
N PRO A 142 19.18 -7.04 -0.16
CA PRO A 142 18.29 -6.25 0.71
C PRO A 142 16.84 -6.08 0.22
N TRP A 143 16.46 -6.76 -0.84
CA TRP A 143 15.08 -6.70 -1.29
C TRP A 143 14.83 -7.83 -2.24
N GLU A 144 13.53 -8.04 -2.55
CA GLU A 144 13.11 -8.88 -3.65
C GLU A 144 12.25 -8.04 -4.62
N ALA A 145 12.43 -8.23 -5.92
CA ALA A 145 11.55 -7.62 -6.92
C ALA A 145 10.32 -8.50 -7.15
N THR A 146 9.21 -8.16 -6.49
CA THR A 146 8.03 -9.03 -6.50
C THR A 146 6.89 -8.61 -7.48
N GLY A 147 7.18 -7.74 -8.44
CA GLY A 147 6.18 -7.22 -9.40
C GLY A 147 5.38 -8.29 -10.10
N ILE A 148 6.05 -9.41 -10.44
CA ILE A 148 5.38 -10.55 -11.08
C ILE A 148 4.17 -11.14 -10.29
N LYS A 149 4.14 -10.90 -8.97
CA LYS A 149 3.06 -11.41 -8.16
C LYS A 149 1.86 -10.48 -8.02
N TYR A 150 2.02 -9.24 -8.48
CA TYR A 150 0.96 -8.26 -8.28
C TYR A 150 -0.16 -8.52 -9.28
N ARG A 151 -1.38 -8.56 -8.77
CA ARG A 151 -2.54 -8.74 -9.58
C ARG A 151 -3.08 -7.34 -9.90
N LYS A 152 -3.59 -7.18 -11.11
CA LYS A 152 -4.25 -5.97 -11.50
C LYS A 152 -5.60 -5.87 -10.76
N ILE A 153 -5.86 -4.75 -10.08
CA ILE A 153 -7.21 -4.50 -9.60
C ILE A 153 -7.90 -3.80 -10.73
N LYS A 154 -9.04 -4.36 -11.18
CA LYS A 154 -9.72 -3.85 -12.39
C LYS A 154 -11.16 -3.39 -12.17
N ARG A 155 -11.55 -2.24 -12.74
CA ARG A 155 -12.95 -1.81 -12.81
C ARG A 155 -13.27 -1.43 -14.23
N ASP A 156 -14.34 -2.01 -14.77
CA ASP A 156 -14.75 -1.73 -16.15
C ASP A 156 -13.65 -1.97 -17.21
N GLY A 157 -12.79 -2.95 -16.98
CA GLY A 157 -11.68 -3.22 -17.88
C GLY A 157 -10.48 -2.30 -17.74
N GLU A 158 -10.47 -1.42 -16.74
CA GLU A 158 -9.31 -0.52 -16.55
C GLU A 158 -8.55 -0.90 -15.28
N ILE A 159 -7.22 -0.85 -15.31
CA ILE A 159 -6.38 -1.09 -14.12
C ILE A 159 -6.47 0.11 -13.19
N VAL A 160 -7.05 -0.09 -12.02
CA VAL A 160 -7.14 0.96 -10.99
C VAL A 160 -6.10 0.86 -9.86
N GLY A 161 -5.29 -0.19 -9.87
CA GLY A 161 -4.34 -0.44 -8.79
C GLY A 161 -3.67 -1.81 -8.99
N TYR A 162 -2.67 -2.10 -8.15
CA TYR A 162 -2.02 -3.37 -8.17
C TYR A 162 -1.95 -3.90 -6.77
N SER A 163 -2.19 -5.20 -6.59
CA SER A 163 -2.29 -5.85 -5.30
C SER A 163 -1.40 -7.08 -5.19
N HIS A 164 -0.67 -7.16 -4.07
CA HIS A 164 0.02 -8.36 -3.62
C HIS A 164 -0.49 -8.75 -2.27
N TYR A 165 -1.12 -9.90 -2.17
CA TYR A 165 -1.69 -10.36 -0.91
C TYR A 165 -1.02 -11.63 -0.34
N PHE A 166 -0.62 -11.58 0.94
CA PHE A 166 -0.04 -12.79 1.56
C PHE A 166 -0.47 -12.97 2.99
N GLU A 167 -0.77 -14.21 3.33
CA GLU A 167 -1.32 -14.56 4.61
C GLU A 167 -0.16 -14.93 5.51
N LEU A 168 -0.34 -14.71 6.80
CA LEU A 168 0.68 -15.01 7.82
C LEU A 168 0.03 -16.00 8.82
N PRO A 169 -0.34 -17.21 8.36
CA PRO A 169 -1.23 -17.91 9.26
C PRO A 169 -0.51 -18.79 10.26
N HIS A 170 0.82 -18.89 10.14
CA HIS A 170 1.60 -19.78 11.03
C HIS A 170 2.24 -19.09 12.18
N GLU A 171 2.50 -19.84 13.24
CA GLU A 171 3.19 -19.28 14.39
C GLU A 171 4.51 -18.59 14.05
N TYR A 172 5.32 -19.15 13.15
CA TYR A 172 6.60 -18.56 12.72
C TYR A 172 6.52 -17.40 11.72
N ASN A 173 5.31 -17.01 11.32
CA ASN A 173 5.20 -15.87 10.41
C ASN A 173 5.32 -14.60 11.23
N SER A 174 6.55 -14.20 11.54
CA SER A 174 6.79 -13.00 12.35
C SER A 174 7.73 -12.11 11.55
N ILE A 175 7.22 -10.96 11.09
CA ILE A 175 7.91 -10.17 10.08
C ILE A 175 8.09 -8.67 10.39
N SER A 176 9.09 -8.11 9.73
CA SER A 176 9.25 -6.68 9.52
C SER A 176 9.11 -6.47 8.00
N LEU A 177 8.81 -5.28 7.54
CA LEU A 177 8.35 -5.13 6.19
C LEU A 177 8.63 -3.72 5.69
N ALA A 178 9.20 -3.67 4.48
CA ALA A 178 9.39 -2.43 3.73
C ALA A 178 9.04 -2.74 2.29
N VAL A 179 8.38 -1.79 1.63
CA VAL A 179 8.05 -1.90 0.22
C VAL A 179 8.31 -0.55 -0.43
N SER A 180 8.54 -0.58 -1.74
CA SER A 180 9.00 0.59 -2.49
C SER A 180 8.58 0.39 -3.93
N GLY A 181 8.08 1.46 -4.54
CA GLY A 181 7.80 1.48 -5.96
C GLY A 181 8.18 2.83 -6.58
N VAL A 182 8.46 2.81 -7.88
CA VAL A 182 8.86 4.02 -8.58
C VAL A 182 7.71 4.41 -9.49
N HIS A 183 7.43 5.71 -9.60
CA HIS A 183 6.43 6.20 -10.55
C HIS A 183 6.82 5.82 -11.98
N LYS A 184 5.85 5.36 -12.79
CA LYS A 184 6.06 5.18 -14.24
C LYS A 184 6.84 6.31 -14.84
N ASN A 185 7.72 5.96 -15.78
CA ASN A 185 8.45 6.92 -16.58
C ASN A 185 8.81 6.31 -17.92
N PRO A 186 7.90 6.38 -18.89
CA PRO A 186 8.19 5.82 -20.20
C PRO A 186 9.10 6.72 -21.09
N SER A 187 9.42 7.92 -20.60
CA SER A 187 10.37 8.81 -21.30
C SER A 187 11.84 8.46 -21.04
N SER A 188 12.74 9.11 -21.75
CA SER A 188 14.16 8.99 -21.45
C SER A 188 14.71 10.14 -20.62
N TYR A 189 13.83 10.93 -20.01
CA TYR A 189 14.25 11.93 -19.03
C TYR A 189 14.31 11.24 -17.66
N ASN A 190 15.51 11.03 -17.16
CA ASN A 190 15.70 10.43 -15.82
C ASN A 190 15.32 11.45 -14.72
N VAL A 191 14.26 11.17 -13.98
CA VAL A 191 13.86 12.11 -12.91
C VAL A 191 14.95 12.24 -11.84
N GLY A 192 15.86 11.26 -11.79
CA GLY A 192 16.96 11.31 -10.85
C GLY A 192 18.27 11.83 -11.42
N SER A 193 18.30 12.14 -12.73
CA SER A 193 19.48 12.78 -13.34
C SER A 193 19.79 14.12 -12.65
N ALA A 194 21.01 14.63 -12.86
CA ALA A 194 21.47 15.81 -12.16
C ALA A 194 20.50 16.99 -12.28
N HIS A 195 19.88 17.15 -13.45
CA HIS A 195 18.93 18.24 -13.64
C HIS A 195 17.82 18.30 -12.59
N ASN A 196 17.38 17.16 -12.09
CA ASN A 196 16.16 17.13 -11.27
C ASN A 196 16.33 16.39 -9.94
N VAL A 197 17.54 15.90 -9.69
CA VAL A 197 17.77 15.01 -8.55
C VAL A 197 17.42 15.70 -7.24
N MET A 198 17.65 17.01 -7.16
CA MET A 198 17.32 17.71 -5.91
C MET A 198 15.81 17.75 -5.72
N ASP A 199 15.05 17.75 -6.80
CA ASP A 199 13.59 17.70 -6.63
C ASP A 199 13.15 16.35 -6.07
N VAL A 200 13.90 15.30 -6.44
CA VAL A 200 13.60 14.00 -5.85
C VAL A 200 13.94 13.99 -4.35
N PHE A 201 15.07 14.59 -3.98
CA PHE A 201 15.41 14.73 -2.55
C PHE A 201 14.32 15.49 -1.82
N GLN A 202 13.84 16.60 -2.38
CA GLN A 202 12.67 17.29 -1.78
C GLN A 202 11.42 16.41 -1.66
N SER A 203 11.11 15.64 -2.72
CA SER A 203 9.99 14.70 -2.66
C SER A 203 10.05 13.73 -1.45
N CYS A 204 11.24 13.30 -1.04
CA CYS A 204 11.37 12.50 0.18
C CYS A 204 10.82 13.27 1.37
N ASP A 205 11.10 14.58 1.46
CA ASP A 205 10.58 15.39 2.57
C ASP A 205 9.09 15.72 2.42
N LEU A 206 8.61 15.81 1.19
CA LEU A 206 7.25 16.25 0.94
C LEU A 206 6.18 15.13 0.99
N ALA A 207 6.63 13.88 0.95
CA ALA A 207 5.74 12.72 0.96
C ALA A 207 4.82 12.82 2.16
N LEU A 208 3.52 12.64 1.94
CA LEU A 208 2.54 12.71 3.03
C LEU A 208 2.24 11.29 3.45
N ARG A 209 2.19 11.05 4.76
CA ARG A 209 1.90 9.72 5.31
C ARG A 209 0.52 9.71 6.01
N PHE A 210 -0.11 8.54 6.06
CA PHE A 210 -1.37 8.40 6.76
C PHE A 210 -1.41 7.02 7.45
N CYS A 211 -1.90 6.97 8.67
CA CYS A 211 -2.13 5.67 9.23
C CYS A 211 -3.22 5.63 10.28
N ASN A 212 -3.94 4.50 10.33
CA ASN A 212 -5.15 4.41 11.12
C ASN A 212 -5.55 2.95 11.25
N ARG A 213 -6.16 2.60 12.36
CA ARG A 213 -6.74 1.26 12.51
C ARG A 213 -8.25 1.36 12.41
N TYR A 214 -8.82 0.66 11.43
CA TYR A 214 -10.28 0.56 11.23
C TYR A 214 -10.78 -0.72 11.86
N TRP A 215 -11.98 -0.67 12.45
CA TRP A 215 -12.55 -1.83 13.15
C TRP A 215 -12.91 -3.02 12.33
N ALA A 216 -13.15 -2.83 11.04
CA ALA A 216 -13.60 -3.91 10.17
C ALA A 216 -13.27 -3.57 8.74
N GLU A 217 -13.20 -4.59 7.88
CA GLU A 217 -13.03 -4.38 6.46
C GLU A 217 -14.19 -3.56 5.87
N LEU A 218 -15.42 -3.83 6.30
CA LEU A 218 -16.60 -3.02 5.88
C LEU A 218 -16.32 -1.51 6.10
N GLU A 219 -15.82 -1.20 7.30
CA GLU A 219 -15.56 0.20 7.67
C GLU A 219 -14.43 0.80 6.82
N LEU A 220 -13.36 0.02 6.63
CA LEU A 220 -12.28 0.33 5.68
C LEU A 220 -12.83 0.64 4.25
N VAL A 221 -13.72 -0.22 3.75
CA VAL A 221 -14.26 0.01 2.41
C VAL A 221 -15.14 1.26 2.35
N ASN A 222 -16.02 1.42 3.34
CA ASN A 222 -16.97 2.51 3.33
C ASN A 222 -16.31 3.85 3.59
N HIS A 223 -15.32 3.90 4.47
CA HIS A 223 -14.91 5.19 5.00
C HIS A 223 -13.50 5.57 4.67
N TYR A 224 -12.78 4.65 4.04
CA TYR A 224 -11.40 4.90 3.63
C TYR A 224 -11.21 4.74 2.10
N ILE A 225 -11.49 3.54 1.60
CA ILE A 225 -11.23 3.20 0.21
C ILE A 225 -12.15 4.03 -0.66
N SER A 226 -13.45 3.93 -0.42
CA SER A 226 -14.44 4.49 -1.35
C SER A 226 -14.50 6.02 -1.41
N PRO A 227 -14.55 6.68 -0.24
CA PRO A 227 -14.61 8.16 -0.30
C PRO A 227 -13.39 8.77 -0.99
N ASN A 228 -12.25 8.11 -0.97
CA ASN A 228 -11.07 8.72 -1.56
C ASN A 228 -10.77 8.18 -2.97
N ALA A 229 -11.66 7.32 -3.50
CA ALA A 229 -11.46 6.78 -4.88
C ALA A 229 -10.13 5.99 -4.98
N TYR A 230 -9.80 5.28 -3.90
CA TYR A 230 -8.63 4.41 -3.77
C TYR A 230 -8.98 3.02 -4.28
N PRO A 231 -8.00 2.28 -4.82
CA PRO A 231 -8.32 0.95 -5.27
C PRO A 231 -8.25 -0.03 -4.10
N TYR A 232 -8.95 -1.14 -4.21
CA TYR A 232 -8.92 -2.12 -3.13
C TYR A 232 -9.35 -3.47 -3.66
N LEU A 233 -8.92 -4.49 -2.93
CA LEU A 233 -9.37 -5.84 -3.19
C LEU A 233 -9.71 -6.48 -1.86
N ASP A 234 -10.97 -6.90 -1.69
CA ASP A 234 -11.42 -7.38 -0.37
C ASP A 234 -11.20 -8.88 -0.21
N ILE A 235 -11.52 -9.41 0.96
CA ILE A 235 -11.27 -10.83 1.24
C ILE A 235 -12.06 -11.78 0.29
N ASN A 236 -13.20 -11.31 -0.23
CA ASN A 236 -13.93 -12.05 -1.24
C ASN A 236 -13.45 -11.89 -2.68
N ASN A 237 -12.24 -11.34 -2.83
CA ASN A 237 -11.65 -11.08 -4.14
C ASN A 237 -12.45 -10.08 -5.00
N HIS A 238 -13.21 -9.21 -4.34
CA HIS A 238 -13.99 -8.19 -5.02
C HIS A 238 -13.18 -6.92 -5.21
N SER A 239 -13.20 -6.37 -6.42
CA SER A 239 -12.46 -5.11 -6.75
C SER A 239 -13.20 -3.82 -6.49
N TYR A 240 -12.50 -2.86 -5.89
CA TYR A 240 -12.97 -1.48 -5.72
C TYR A 240 -12.03 -0.47 -6.42
N GLY A 241 -12.61 0.61 -6.91
CA GLY A 241 -11.85 1.69 -7.53
C GLY A 241 -12.77 2.39 -8.50
N VAL A 242 -12.25 3.43 -9.12
CA VAL A 242 -13.03 4.18 -10.08
C VAL A 242 -12.29 4.24 -11.42
N ALA A 243 -12.90 3.75 -12.49
CA ALA A 243 -12.30 3.82 -13.82
C ALA A 243 -12.57 5.21 -14.43
N LEU A 244 -11.55 5.82 -15.00
CA LEU A 244 -11.58 7.22 -15.39
C LEU A 244 -11.14 7.48 -16.84
N SER A 245 -10.28 6.61 -17.37
CA SER A 245 -9.75 6.84 -18.71
C SER A 245 -10.81 6.80 -19.82
N ASN A 246 -11.09 7.94 -20.47
CA ASN A 246 -12.09 7.98 -21.58
C ASN A 246 -13.53 7.57 -21.11
N ARG A 247 -13.82 7.83 -19.85
CA ARG A 247 -15.12 7.47 -19.28
C ARG A 247 -15.82 8.70 -18.74
N GLN A 248 -17.15 8.75 -18.86
CA GLN A 248 -17.96 9.76 -18.15
C GLN A 248 -18.25 9.27 -16.70
#